data_7LAD
#
_entry.id   7LAD
#
_cell.length_a   75.404
_cell.length_b   93.912
_cell.length_c   138.716
_cell.angle_alpha   90.000
_cell.angle_beta   90.000
_cell.angle_gamma   90.000
#
_symmetry.space_group_name_H-M   'I 2 2 2'
#
loop_
_entity.id
_entity.type
_entity.pdbx_description
1 polymer 'Cytochrome P450 3A5'
2 non-polymer 'PROTOPORPHYRIN IX CONTAINING FE'
3 non-polymer 'Clobetasol propionate'
4 water water
#
_entity_poly.entity_id   1
_entity_poly.type   'polypeptide(L)'
_entity_poly.pdbx_seq_one_letter_code
;MDYLYGTRTHGLFKRLGIPGPTPLPLLGNVLSYRQGLWKFDTECYKKYGKMWGTYEGQLPVLAITDPDVIRTVLVKECYS
VFTNRRSLGPVGFMKSAISLAEDEEWKRIRSLLSPTFTSGKLKEMFPIIAQYGDVLVRNLRREAEKGKPVTLKDIFGAYS
MDVITGTSFGVNIDSLNNPQDPFVESTKKFLKFGFLDPLFLSIILFPFLTPVFEALNVSLFPKDTINFLSKSVNRMKKSR
LNDKQKHRLDFLQLMIDSQNSKETESHKALSDLELAAQSIIFIFAGYETTSSVLSFTLYELATHPDVQQKLQKEIDAVLP
NKAPPTYDAVVQMEYLDMVVNETLRLFPVAIRLERTCKKDVEINGVFIPKGSMVVIPTYALHHDPKYWTEPEEFRPERFS
KKKDSIDPYIYTPFGTGPRNCIGMRFALMNMKLALIRVLQNFSFKPCKETQIPLKLDTQGLLQPEKPIVLKVDSRDGHHH
H
;
_entity_poly.pdbx_strand_id   A
#
loop_
_chem_comp.id
_chem_comp.type
_chem_comp.name
_chem_comp.formula
HEM non-polymer 'PROTOPORPHYRIN IX CONTAINING FE' 'C34 H32 Fe N4 O4'
XRD non-polymer 'Clobetasol propionate' 'C25 H32 Cl F O5'
#
# COMPACT_ATOMS: atom_id res chain seq x y z
N THR A 7 22.94 0.35 23.85
CA THR A 7 24.10 0.65 23.07
C THR A 7 24.86 -0.62 22.72
N ARG A 8 24.23 -1.75 23.04
CA ARG A 8 24.85 -3.04 22.73
C ARG A 8 25.22 -3.14 21.27
N THR A 9 24.27 -2.78 20.43
CA THR A 9 24.45 -2.84 18.99
C THR A 9 24.73 -1.47 18.41
N HIS A 10 24.83 -0.43 19.24
CA HIS A 10 24.93 0.92 18.71
C HIS A 10 26.32 1.29 18.25
N GLY A 11 27.20 0.31 18.08
CA GLY A 11 28.50 0.52 17.51
C GLY A 11 28.65 -0.20 16.19
N LEU A 12 27.78 -1.17 15.95
CA LEU A 12 27.78 -1.98 14.75
C LEU A 12 28.14 -1.19 13.52
N PHE A 13 27.49 -0.05 13.30
CA PHE A 13 27.73 0.66 12.05
C PHE A 13 28.96 1.52 12.09
N LYS A 14 29.28 2.10 13.25
CA LYS A 14 30.59 2.71 13.42
C LYS A 14 31.67 1.70 13.06
N ARG A 15 31.48 0.46 13.53
CA ARG A 15 32.49 -0.57 13.34
C ARG A 15 32.60 -0.96 11.87
N LEU A 16 31.47 -1.26 11.23
CA LEU A 16 31.46 -1.76 9.85
C LEU A 16 31.67 -0.67 8.80
N GLY A 17 32.04 0.55 9.19
CA GLY A 17 32.27 1.59 8.20
C GLY A 17 31.04 2.08 7.45
N ILE A 18 29.92 2.26 8.15
CA ILE A 18 28.65 2.56 7.53
C ILE A 18 28.10 3.85 8.16
N PRO A 19 27.88 4.91 7.42
CA PRO A 19 27.46 6.19 8.04
C PRO A 19 26.02 6.14 8.56
N GLY A 20 25.66 7.17 9.33
CA GLY A 20 24.33 7.21 9.93
C GLY A 20 24.11 8.30 10.96
N PRO A 21 22.84 8.64 11.21
CA PRO A 21 22.54 9.60 12.28
C PRO A 21 22.82 9.02 13.66
N THR A 22 23.38 9.84 14.55
CA THR A 22 23.83 9.32 15.84
C THR A 22 22.63 8.83 16.66
N PRO A 23 22.65 7.59 17.12
CA PRO A 23 21.55 7.03 17.93
C PRO A 23 21.52 7.66 19.33
N LEU A 24 20.35 7.60 19.93
CA LEU A 24 20.16 7.99 21.30
C LEU A 24 19.85 6.76 22.12
N PRO A 25 20.34 6.64 23.36
CA PRO A 25 20.21 5.37 24.10
C PRO A 25 18.75 4.92 24.24
N LEU A 26 18.54 3.60 24.20
CA LEU A 26 17.21 2.99 24.37
C LEU A 26 16.30 3.19 23.15
N LEU A 27 16.11 4.46 22.76
CA LEU A 27 15.17 4.80 21.68
C LEU A 27 15.75 4.46 20.29
N GLY A 28 17.03 4.69 20.06
CA GLY A 28 17.59 4.48 18.75
C GLY A 28 17.47 5.76 17.94
N ASN A 29 17.36 5.68 16.62
CA ASN A 29 17.04 6.87 15.85
C ASN A 29 15.55 7.12 15.77
N VAL A 30 14.78 6.37 16.57
CA VAL A 30 13.34 6.29 16.38
C VAL A 30 12.66 7.65 16.52
N LEU A 31 13.20 8.55 17.35
CA LEU A 31 12.60 9.89 17.43
C LEU A 31 12.54 10.55 16.06
N SER A 32 13.51 10.24 15.19
CA SER A 32 13.55 10.81 13.85
C SER A 32 12.31 10.45 13.04
N TYR A 33 11.57 9.43 13.45
CA TYR A 33 10.40 8.99 12.70
C TYR A 33 9.18 9.89 12.90
N ARG A 34 9.17 10.77 13.89
CA ARG A 34 7.96 11.54 14.15
C ARG A 34 7.67 12.54 13.06
N GLN A 35 8.69 12.97 12.34
CA GLN A 35 8.53 13.84 11.18
C GLN A 35 7.92 13.14 9.99
N GLY A 36 7.86 11.82 10.02
CA GLY A 36 7.44 10.94 8.96
C GLY A 36 8.64 10.21 8.37
N LEU A 37 8.43 8.93 8.05
CA LEU A 37 9.50 8.09 7.50
C LEU A 37 9.97 8.58 6.13
N TRP A 38 9.04 8.83 5.22
CA TRP A 38 9.40 9.38 3.93
C TRP A 38 10.34 10.56 4.05
N LYS A 39 10.12 11.42 5.03
CA LYS A 39 10.94 12.61 5.18
C LYS A 39 12.31 12.26 5.76
N PHE A 40 12.31 11.38 6.77
CA PHE A 40 13.56 10.88 7.32
C PHE A 40 14.34 10.09 6.27
N ASP A 41 13.70 9.10 5.65
CA ASP A 41 14.38 8.30 4.63
C ASP A 41 15.05 9.18 3.57
N THR A 42 14.43 10.31 3.17
CA THR A 42 15.10 11.08 2.13
C THR A 42 16.25 11.89 2.71
N GLU A 43 16.01 12.59 3.82
CA GLU A 43 17.07 13.39 4.44
C GLU A 43 18.35 12.58 4.60
N CYS A 44 18.23 11.34 5.08
CA CYS A 44 19.37 10.44 5.19
C CYS A 44 19.97 10.13 3.82
N TYR A 45 19.11 9.80 2.85
CA TYR A 45 19.58 9.52 1.48
C TYR A 45 20.48 10.64 0.98
N LYS A 46 19.94 11.86 0.94
CA LYS A 46 20.75 13.02 0.59
C LYS A 46 22.02 13.09 1.43
N LYS A 47 21.92 12.81 2.72
CA LYS A 47 23.06 13.03 3.60
C LYS A 47 24.13 11.97 3.42
N TYR A 48 23.73 10.70 3.31
CA TYR A 48 24.66 9.59 3.50
C TYR A 48 24.93 8.76 2.25
N GLY A 49 24.20 8.98 1.17
CA GLY A 49 24.50 8.32 -0.08
C GLY A 49 23.97 6.91 -0.18
N LYS A 50 24.77 6.03 -0.77
CA LYS A 50 24.36 4.70 -1.20
C LYS A 50 23.90 3.80 -0.06
N MET A 51 24.33 4.09 1.15
CA MET A 51 24.09 3.14 2.23
C MET A 51 24.19 3.89 3.54
N TRP A 52 23.20 3.75 4.41
CA TRP A 52 23.29 4.32 5.75
C TRP A 52 22.69 3.36 6.76
N GLY A 53 23.15 3.46 8.00
CA GLY A 53 22.69 2.59 9.08
C GLY A 53 22.05 3.37 10.20
N THR A 54 20.99 2.81 10.79
CA THR A 54 20.30 3.37 11.93
C THR A 54 19.86 2.23 12.85
N TYR A 55 19.38 2.58 14.03
CA TYR A 55 18.97 1.58 15.01
C TYR A 55 17.53 1.83 15.42
N GLU A 56 16.74 0.78 15.48
CA GLU A 56 15.37 0.83 16.02
C GLU A 56 15.45 0.33 17.46
N GLY A 57 15.80 1.25 18.36
CA GLY A 57 16.07 0.82 19.69
C GLY A 57 17.40 0.13 19.60
N GLN A 58 17.36 -1.18 19.53
CA GLN A 58 18.59 -1.96 19.47
C GLN A 58 18.80 -2.61 18.11
N LEU A 59 17.72 -2.91 17.44
CA LEU A 59 17.75 -3.53 16.13
C LEU A 59 18.51 -2.66 15.15
N PRO A 60 19.59 -3.14 14.55
CA PRO A 60 20.24 -2.38 13.50
C PRO A 60 19.36 -2.38 12.26
N VAL A 61 19.55 -1.36 11.42
CA VAL A 61 18.79 -1.21 10.19
C VAL A 61 19.74 -0.72 9.10
N LEU A 62 19.81 -1.45 8.00
CA LEU A 62 20.72 -1.09 6.91
C LEU A 62 19.88 -0.67 5.71
N ALA A 63 20.13 0.55 5.23
CA ALA A 63 19.37 1.12 4.13
C ALA A 63 20.27 1.15 2.91
N ILE A 64 19.84 0.45 1.86
CA ILE A 64 20.60 0.31 0.63
C ILE A 64 19.87 1.07 -0.47
N THR A 65 20.61 1.83 -1.27
CA THR A 65 19.96 2.45 -2.43
C THR A 65 20.47 1.93 -3.76
N ASP A 66 21.55 1.17 -3.79
CA ASP A 66 22.09 0.68 -5.06
C ASP A 66 21.20 -0.39 -5.63
N PRO A 67 20.81 -0.29 -6.91
CA PRO A 67 19.81 -1.24 -7.44
C PRO A 67 20.27 -2.67 -7.45
N ASP A 68 21.56 -2.94 -7.68
CA ASP A 68 22.05 -4.31 -7.72
C ASP A 68 21.91 -4.98 -6.35
N VAL A 69 22.42 -4.27 -5.31
CA VAL A 69 22.22 -4.66 -3.91
C VAL A 69 20.74 -4.90 -3.64
N ILE A 70 19.90 -4.02 -4.19
CA ILE A 70 18.47 -4.14 -3.99
C ILE A 70 17.98 -5.45 -4.60
N ARG A 71 18.49 -5.76 -5.81
CA ARG A 71 18.06 -6.95 -6.56
C ARG A 71 18.51 -8.22 -5.86
N THR A 72 19.72 -8.19 -5.29
CA THR A 72 20.16 -9.20 -4.33
C THR A 72 19.14 -9.42 -3.20
N VAL A 73 18.90 -8.36 -2.42
CA VAL A 73 18.05 -8.48 -1.23
C VAL A 73 16.64 -8.91 -1.61
N LEU A 74 16.14 -8.42 -2.74
CA LEU A 74 14.72 -8.57 -3.02
C LEU A 74 14.39 -9.80 -3.83
N VAL A 75 15.35 -10.30 -4.62
CA VAL A 75 15.09 -11.37 -5.59
C VAL A 75 16.08 -12.52 -5.44
N LYS A 76 17.38 -12.23 -5.58
CA LYS A 76 18.37 -13.31 -5.57
C LYS A 76 18.25 -14.14 -4.29
N GLU A 77 18.45 -13.50 -3.14
CA GLU A 77 18.49 -14.19 -1.86
C GLU A 77 17.23 -13.93 -1.02
N CYS A 78 16.09 -13.69 -1.68
CA CYS A 78 14.82 -13.63 -0.96
C CYS A 78 14.60 -14.90 -0.14
N TYR A 79 14.89 -16.07 -0.72
CA TYR A 79 14.65 -17.35 -0.05
C TYR A 79 15.83 -17.83 0.76
N SER A 80 17.04 -17.46 0.38
CA SER A 80 18.16 -17.95 1.17
C SER A 80 18.33 -17.13 2.44
N VAL A 81 18.10 -15.82 2.36
CA VAL A 81 18.19 -14.94 3.53
C VAL A 81 16.85 -14.23 3.78
N PHE A 82 16.53 -13.23 2.96
CA PHE A 82 15.60 -12.17 3.32
C PHE A 82 14.15 -12.59 3.08
N THR A 83 13.71 -13.60 3.83
CA THR A 83 12.38 -14.15 3.58
C THR A 83 11.27 -13.46 4.38
N ASN A 84 11.60 -12.83 5.50
CA ASN A 84 10.60 -12.22 6.36
C ASN A 84 10.78 -10.70 6.38
N ARG A 85 9.69 -10.01 6.73
CA ARG A 85 9.67 -8.57 6.58
C ARG A 85 10.08 -7.84 7.87
N ARG A 86 9.14 -7.65 8.76
CA ARG A 86 9.39 -7.03 10.05
C ARG A 86 9.16 -8.11 11.07
N SER A 87 10.07 -8.20 12.04
CA SER A 87 9.97 -9.25 13.04
C SER A 87 8.58 -9.24 13.65
N LEU A 88 8.02 -10.43 13.81
CA LEU A 88 6.59 -10.53 14.02
C LEU A 88 6.21 -9.98 15.39
N GLY A 89 5.03 -9.37 15.45
CA GLY A 89 4.54 -8.77 16.66
C GLY A 89 3.37 -9.53 17.24
N PRO A 90 2.83 -9.06 18.39
CA PRO A 90 1.71 -9.77 19.01
C PRO A 90 0.50 -9.70 18.14
N VAL A 91 0.35 -10.70 17.28
CA VAL A 91 -0.78 -10.77 16.36
C VAL A 91 -1.67 -11.97 16.63
N GLY A 92 -1.28 -12.85 17.55
CA GLY A 92 -2.12 -13.97 17.89
C GLY A 92 -2.23 -14.95 16.75
N PHE A 93 -3.44 -15.21 16.30
CA PHE A 93 -3.61 -16.17 15.23
C PHE A 93 -3.49 -15.55 13.84
N MET A 94 -3.55 -14.22 13.70
CA MET A 94 -3.30 -13.67 12.37
C MET A 94 -1.87 -13.87 11.89
N LYS A 95 -0.98 -14.45 12.70
CA LYS A 95 0.34 -14.84 12.22
C LYS A 95 0.24 -15.83 11.06
N SER A 96 -0.98 -16.29 10.75
CA SER A 96 -1.24 -17.14 9.60
C SER A 96 -1.43 -16.32 8.33
N ALA A 97 -2.06 -15.15 8.43
CA ALA A 97 -2.21 -14.29 7.25
C ALA A 97 -0.85 -14.04 6.61
N ILE A 98 -0.87 -13.83 5.29
CA ILE A 98 0.28 -14.12 4.46
C ILE A 98 1.39 -13.08 4.65
N SER A 99 1.02 -11.81 4.79
CA SER A 99 2.00 -10.75 5.00
C SER A 99 2.79 -10.91 6.29
N LEU A 100 2.29 -11.72 7.21
CA LEU A 100 2.88 -11.83 8.54
C LEU A 100 3.68 -13.10 8.73
N ALA A 101 3.25 -14.20 8.13
CA ALA A 101 3.98 -15.46 8.21
C ALA A 101 5.42 -15.28 7.73
N GLU A 102 6.28 -16.21 8.13
CA GLU A 102 7.67 -16.15 7.73
C GLU A 102 8.14 -17.52 7.25
N ASP A 103 9.30 -17.52 6.60
CA ASP A 103 9.94 -18.73 6.10
C ASP A 103 8.97 -19.71 5.49
N GLU A 104 8.92 -20.93 6.03
CA GLU A 104 8.22 -21.98 5.31
C GLU A 104 6.72 -21.80 5.42
N GLU A 105 6.22 -21.38 6.58
CA GLU A 105 4.78 -21.19 6.73
C GLU A 105 4.24 -20.23 5.69
N TRP A 106 5.00 -19.18 5.38
CA TRP A 106 4.61 -18.28 4.31
C TRP A 106 4.75 -18.94 2.94
N LYS A 107 5.94 -19.49 2.64
CA LYS A 107 6.21 -20.21 1.40
C LYS A 107 5.05 -21.11 0.99
N ARG A 108 4.41 -21.76 1.97
CA ARG A 108 3.19 -22.52 1.68
C ARG A 108 2.03 -21.60 1.37
N ILE A 109 1.70 -20.70 2.31
CA ILE A 109 0.48 -19.88 2.19
C ILE A 109 0.51 -19.06 0.90
N ARG A 110 1.70 -18.53 0.55
CA ARG A 110 1.90 -17.88 -0.75
C ARG A 110 1.43 -18.80 -1.86
N SER A 111 2.03 -19.99 -1.91
CA SER A 111 1.67 -20.97 -2.93
C SER A 111 0.17 -21.23 -2.98
N LEU A 112 -0.45 -21.42 -1.83
CA LEU A 112 -1.86 -21.82 -1.79
C LEU A 112 -2.83 -20.68 -2.08
N LEU A 113 -2.33 -19.46 -2.26
CA LEU A 113 -3.17 -18.33 -2.61
C LEU A 113 -2.87 -17.77 -3.99
N SER A 114 -1.69 -18.03 -4.54
CA SER A 114 -1.35 -17.62 -5.92
C SER A 114 -2.45 -17.88 -6.95
N PRO A 115 -3.08 -19.06 -7.02
CA PRO A 115 -4.09 -19.31 -8.08
C PRO A 115 -5.25 -18.34 -8.05
N THR A 116 -5.39 -17.61 -6.96
CA THR A 116 -6.47 -16.66 -6.79
C THR A 116 -6.15 -15.30 -7.40
N PHE A 117 -4.87 -14.94 -7.54
CA PHE A 117 -4.50 -13.59 -7.99
C PHE A 117 -3.90 -13.57 -9.40
N THR A 118 -3.98 -14.67 -10.13
CA THR A 118 -3.55 -14.71 -11.52
C THR A 118 -4.46 -13.82 -12.37
N SER A 119 -3.91 -13.40 -13.51
CA SER A 119 -4.69 -12.58 -14.43
C SER A 119 -5.95 -13.31 -14.87
N GLY A 120 -5.91 -14.64 -14.90
CA GLY A 120 -7.07 -15.43 -15.28
C GLY A 120 -8.22 -15.26 -14.31
N LYS A 121 -7.98 -15.55 -13.03
CA LYS A 121 -9.03 -15.39 -12.03
C LYS A 121 -9.48 -13.94 -11.93
N LEU A 122 -8.55 -12.99 -12.13
CA LEU A 122 -8.93 -11.59 -12.16
C LEU A 122 -9.88 -11.31 -13.32
N LYS A 123 -9.49 -11.71 -14.55
CA LYS A 123 -10.41 -11.61 -15.67
C LYS A 123 -11.79 -12.15 -15.30
N GLU A 124 -11.81 -13.25 -14.55
CA GLU A 124 -13.08 -13.80 -14.09
C GLU A 124 -13.82 -12.83 -13.18
N MET A 125 -13.13 -12.30 -12.15
CA MET A 125 -13.83 -11.53 -11.12
C MET A 125 -14.35 -10.20 -11.64
N PHE A 126 -13.84 -9.74 -12.79
CA PHE A 126 -14.09 -8.40 -13.31
C PHE A 126 -15.52 -7.89 -13.14
N PRO A 127 -16.58 -8.64 -13.47
CA PRO A 127 -17.93 -8.06 -13.34
C PRO A 127 -18.37 -7.86 -11.90
N ILE A 128 -17.89 -8.69 -10.97
CA ILE A 128 -18.23 -8.49 -9.56
C ILE A 128 -17.65 -7.19 -9.04
N ILE A 129 -16.56 -6.72 -9.64
CA ILE A 129 -15.92 -5.47 -9.23
C ILE A 129 -16.58 -4.27 -9.88
N ALA A 130 -16.75 -4.32 -11.20
CA ALA A 130 -17.25 -3.18 -11.94
C ALA A 130 -18.69 -2.84 -11.55
N GLN A 131 -19.39 -3.79 -10.93
CA GLN A 131 -20.71 -3.50 -10.40
C GLN A 131 -20.63 -2.44 -9.30
N TYR A 132 -19.52 -2.43 -8.57
CA TYR A 132 -19.32 -1.44 -7.53
C TYR A 132 -19.15 -0.03 -8.05
N GLY A 133 -18.99 0.13 -9.37
CA GLY A 133 -18.83 1.47 -9.92
C GLY A 133 -20.15 2.21 -10.03
N ASP A 134 -21.24 1.46 -10.15
CA ASP A 134 -22.56 2.10 -10.19
C ASP A 134 -22.89 2.71 -8.82
N VAL A 135 -22.61 1.98 -7.73
CA VAL A 135 -22.73 2.51 -6.37
C VAL A 135 -21.90 3.77 -6.23
N LEU A 136 -20.66 3.72 -6.76
CA LEU A 136 -19.74 4.84 -6.64
C LEU A 136 -20.24 6.08 -7.37
N VAL A 137 -20.84 5.94 -8.56
CA VAL A 137 -21.22 7.12 -9.33
C VAL A 137 -22.39 7.85 -8.66
N ARG A 138 -23.46 7.11 -8.32
CA ARG A 138 -24.54 7.69 -7.52
C ARG A 138 -23.98 8.43 -6.31
N ASN A 139 -23.08 7.76 -5.58
CA ASN A 139 -22.54 8.36 -4.37
C ASN A 139 -21.85 9.68 -4.68
N LEU A 140 -21.09 9.74 -5.77
CA LEU A 140 -20.41 10.98 -6.10
C LEU A 140 -21.34 11.99 -6.77
N ARG A 141 -22.40 11.54 -7.45
CA ARG A 141 -23.34 12.52 -7.97
C ARG A 141 -24.12 13.18 -6.83
N ARG A 142 -24.65 12.37 -5.91
CA ARG A 142 -25.31 12.90 -4.72
C ARG A 142 -24.52 14.06 -4.13
N GLU A 143 -23.23 13.80 -3.87
CA GLU A 143 -22.38 14.78 -3.21
C GLU A 143 -22.13 16.02 -4.06
N ALA A 144 -22.12 15.86 -5.39
CA ALA A 144 -21.77 16.95 -6.29
C ALA A 144 -22.98 17.56 -6.99
N GLU A 145 -24.15 16.90 -6.95
CA GLU A 145 -25.37 17.48 -7.50
C GLU A 145 -25.62 18.87 -6.94
N LYS A 146 -25.18 19.08 -5.69
CA LYS A 146 -25.41 20.31 -4.97
C LYS A 146 -24.65 21.50 -5.58
N GLY A 147 -23.46 21.25 -6.10
CA GLY A 147 -22.47 22.27 -6.32
C GLY A 147 -21.43 22.36 -5.22
N LYS A 148 -21.41 21.36 -4.27
CA LYS A 148 -20.70 21.29 -2.99
C LYS A 148 -19.37 20.57 -3.13
N PRO A 149 -18.23 21.19 -2.77
CA PRO A 149 -16.95 20.47 -2.81
C PRO A 149 -17.02 19.13 -2.08
N VAL A 150 -16.25 18.18 -2.59
CA VAL A 150 -16.39 16.77 -2.25
C VAL A 150 -15.14 16.37 -1.52
N THR A 151 -15.30 15.62 -0.42
CA THR A 151 -14.17 15.16 0.37
C THR A 151 -13.87 13.73 -0.08
N LEU A 152 -12.89 13.60 -0.99
CA LEU A 152 -12.71 12.37 -1.75
C LEU A 152 -12.66 11.15 -0.85
N LYS A 153 -12.00 11.27 0.32
CA LYS A 153 -11.77 10.08 1.13
C LYS A 153 -13.04 9.46 1.64
N ASP A 154 -14.13 10.24 1.64
CA ASP A 154 -15.44 9.67 1.92
C ASP A 154 -15.86 8.74 0.80
N ILE A 155 -15.98 9.30 -0.42
CA ILE A 155 -16.43 8.53 -1.58
C ILE A 155 -15.50 7.34 -1.85
N PHE A 156 -14.21 7.61 -1.95
CA PHE A 156 -13.32 6.56 -2.44
C PHE A 156 -12.76 5.67 -1.34
N GLY A 157 -12.73 6.14 -0.09
CA GLY A 157 -12.62 5.18 1.01
C GLY A 157 -13.78 4.21 0.98
N ALA A 158 -15.01 4.73 0.89
CA ALA A 158 -16.20 3.89 0.79
C ALA A 158 -16.07 2.85 -0.32
N TYR A 159 -15.77 3.30 -1.54
CA TYR A 159 -15.58 2.36 -2.65
C TYR A 159 -14.51 1.32 -2.30
N SER A 160 -13.36 1.79 -1.83
CA SER A 160 -12.28 0.88 -1.47
C SER A 160 -12.80 -0.27 -0.62
N MET A 161 -13.53 0.06 0.45
CA MET A 161 -13.97 -0.95 1.41
C MET A 161 -15.07 -1.82 0.82
N ASP A 162 -16.12 -1.19 0.26
CA ASP A 162 -17.16 -1.95 -0.44
C ASP A 162 -16.55 -3.00 -1.37
N VAL A 163 -15.61 -2.57 -2.21
CA VAL A 163 -15.03 -3.48 -3.21
C VAL A 163 -14.27 -4.58 -2.51
N ILE A 164 -13.45 -4.23 -1.53
CA ILE A 164 -12.67 -5.26 -0.86
C ILE A 164 -13.54 -6.10 0.05
N THR A 165 -14.40 -5.47 0.86
CA THR A 165 -15.26 -6.29 1.71
C THR A 165 -16.02 -7.30 0.86
N GLY A 166 -16.83 -6.77 -0.06
CA GLY A 166 -17.64 -7.62 -0.92
C GLY A 166 -16.84 -8.69 -1.65
N THR A 167 -15.73 -8.28 -2.28
CA THR A 167 -14.88 -9.24 -2.99
C THR A 167 -14.18 -10.18 -2.02
N SER A 168 -13.75 -9.67 -0.88
CA SER A 168 -13.04 -10.53 0.06
C SER A 168 -13.98 -11.52 0.70
N PHE A 169 -15.04 -11.02 1.33
CA PHE A 169 -16.05 -11.92 1.86
C PHE A 169 -17.38 -11.18 2.07
N GLY A 170 -18.45 -11.71 1.50
CA GLY A 170 -19.76 -11.12 1.69
C GLY A 170 -20.34 -10.51 0.41
N VAL A 171 -20.98 -9.36 0.49
CA VAL A 171 -21.59 -8.69 -0.68
C VAL A 171 -21.68 -7.18 -0.44
N ASN A 172 -22.35 -6.47 -1.35
CA ASN A 172 -22.31 -5.01 -1.34
C ASN A 172 -22.90 -4.43 -0.05
N ILE A 173 -22.16 -3.50 0.54
CA ILE A 173 -22.51 -2.86 1.80
C ILE A 173 -22.91 -1.40 1.65
N ASP A 174 -22.54 -0.78 0.54
CA ASP A 174 -22.75 0.64 0.35
C ASP A 174 -22.38 1.35 1.64
N SER A 175 -21.08 1.32 1.97
CA SER A 175 -20.58 1.81 3.24
C SER A 175 -21.04 3.22 3.53
N LEU A 176 -20.91 4.13 2.56
CA LEU A 176 -21.26 5.52 2.79
C LEU A 176 -22.72 5.68 3.26
N ASN A 177 -23.63 4.82 2.80
CA ASN A 177 -25.03 4.95 3.15
C ASN A 177 -25.49 3.89 4.16
N ASN A 178 -24.55 3.20 4.81
CA ASN A 178 -24.86 2.26 5.90
C ASN A 178 -23.77 2.37 6.97
N PRO A 179 -23.59 3.56 7.55
CA PRO A 179 -22.46 3.74 8.47
C PRO A 179 -22.55 2.82 9.67
N GLN A 180 -23.76 2.45 10.02
CA GLN A 180 -24.04 1.55 11.11
C GLN A 180 -23.97 0.09 10.70
N ASP A 181 -23.61 -0.20 9.45
CA ASP A 181 -23.38 -1.58 9.08
C ASP A 181 -22.26 -2.14 9.95
N PRO A 182 -22.42 -3.35 10.48
CA PRO A 182 -21.40 -3.86 11.41
C PRO A 182 -20.08 -4.14 10.73
N PHE A 183 -20.10 -4.44 9.44
CA PHE A 183 -18.86 -4.56 8.70
C PHE A 183 -18.14 -3.22 8.59
N VAL A 184 -18.91 -2.14 8.39
CA VAL A 184 -18.29 -0.85 8.13
C VAL A 184 -17.55 -0.35 9.37
N GLU A 185 -18.23 -0.37 10.52
CA GLU A 185 -17.62 0.12 11.76
C GLU A 185 -16.41 -0.70 12.17
N SER A 186 -16.44 -2.00 11.92
CA SER A 186 -15.36 -2.86 12.36
C SER A 186 -14.13 -2.74 11.47
N THR A 187 -14.33 -2.65 10.15
CA THR A 187 -13.17 -2.55 9.26
C THR A 187 -12.55 -1.16 9.30
N LYS A 188 -13.35 -0.14 9.63
CA LYS A 188 -12.83 1.22 9.67
C LYS A 188 -11.69 1.36 10.66
N LYS A 189 -11.42 0.30 11.42
CA LYS A 189 -10.47 0.35 12.52
C LYS A 189 -9.05 -0.04 12.10
N PHE A 190 -8.81 -0.33 10.84
CA PHE A 190 -7.47 -0.57 10.36
C PHE A 190 -6.78 0.74 10.01
N LEU A 191 -7.51 1.82 10.02
CA LEU A 191 -7.02 3.11 9.58
C LEU A 191 -5.89 3.60 10.47
N LYS A 192 -5.94 3.33 11.77
CA LYS A 192 -4.89 3.72 12.70
C LYS A 192 -3.94 2.53 12.92
N PHE A 193 -3.03 2.32 11.97
CA PHE A 193 -2.00 1.29 12.10
C PHE A 193 -0.61 1.88 11.90
N GLY A 194 0.31 1.59 12.80
CA GLY A 194 1.69 1.99 12.63
C GLY A 194 2.11 3.19 13.46
N PHE A 195 3.06 3.00 14.37
CA PHE A 195 3.69 4.08 15.14
C PHE A 195 2.73 4.76 16.11
N LEU A 196 1.46 4.93 15.71
CA LEU A 196 0.48 5.62 16.54
C LEU A 196 0.20 4.86 17.85
N ASP A 197 0.02 3.55 17.78
CA ASP A 197 -0.37 2.83 18.98
C ASP A 197 0.82 2.68 19.92
N PRO A 198 0.61 2.87 21.21
CA PRO A 198 1.72 2.62 22.15
C PRO A 198 2.31 1.23 22.02
N LEU A 199 1.44 0.28 21.67
CA LEU A 199 1.84 -1.11 21.57
C LEU A 199 2.95 -1.30 20.54
N PHE A 200 2.78 -0.68 19.38
CA PHE A 200 3.77 -0.80 18.31
C PHE A 200 5.11 -0.24 18.74
N LEU A 201 5.07 0.86 19.50
CA LEU A 201 6.31 1.48 19.96
C LEU A 201 7.06 0.55 20.92
N SER A 202 6.35 0.01 21.88
CA SER A 202 6.95 -0.88 22.86
C SER A 202 7.47 -2.13 22.18
N ILE A 203 6.83 -2.51 21.10
CA ILE A 203 7.29 -3.63 20.29
C ILE A 203 8.49 -3.21 19.46
N ILE A 204 8.45 -2.01 18.89
CA ILE A 204 9.57 -1.60 18.05
C ILE A 204 10.85 -1.48 18.87
N LEU A 205 10.75 -0.83 20.03
CA LEU A 205 11.91 -0.56 20.87
C LEU A 205 12.32 -1.76 21.72
N PHE A 206 11.37 -2.61 22.07
CA PHE A 206 11.61 -3.76 22.94
C PHE A 206 10.90 -5.00 22.37
N PRO A 207 11.44 -5.57 21.26
CA PRO A 207 10.76 -6.74 20.66
C PRO A 207 10.57 -7.91 21.60
N PHE A 208 11.43 -8.04 22.62
CA PHE A 208 11.38 -9.20 23.52
C PHE A 208 10.10 -9.24 24.34
N LEU A 209 9.26 -8.25 24.22
CA LEU A 209 7.96 -8.32 24.87
C LEU A 209 6.93 -9.01 23.99
N THR A 210 7.25 -9.25 22.73
CA THR A 210 6.26 -9.83 21.83
C THR A 210 5.70 -11.15 22.35
N PRO A 211 6.51 -12.15 22.75
CA PRO A 211 5.90 -13.36 23.32
C PRO A 211 5.02 -13.11 24.52
N VAL A 212 5.33 -12.05 25.28
CA VAL A 212 4.54 -11.74 26.45
C VAL A 212 3.10 -11.38 26.05
N PHE A 213 2.95 -10.37 25.20
CA PHE A 213 1.63 -9.90 24.81
C PHE A 213 0.80 -11.01 24.17
N GLU A 214 1.47 -11.90 23.43
CA GLU A 214 0.79 -13.07 22.87
C GLU A 214 0.19 -13.92 23.98
N ALA A 215 0.98 -14.17 25.04
CA ALA A 215 0.52 -14.99 26.14
C ALA A 215 -0.61 -14.32 26.91
N LEU A 216 -0.75 -13.00 26.79
CA LEU A 216 -1.83 -12.27 27.41
C LEU A 216 -2.96 -11.93 26.44
N ASN A 217 -2.95 -12.48 25.23
CA ASN A 217 -4.01 -12.27 24.24
C ASN A 217 -4.14 -10.80 23.84
N VAL A 218 -3.10 -10.01 24.02
CA VAL A 218 -3.14 -8.62 23.60
C VAL A 218 -2.51 -8.56 22.21
N SER A 219 -3.26 -8.07 21.24
CA SER A 219 -2.77 -8.07 19.86
C SER A 219 -2.74 -6.65 19.29
N LEU A 220 -1.78 -6.45 18.38
CA LEU A 220 -1.72 -5.20 17.61
C LEU A 220 -3.07 -4.90 16.95
N PHE A 221 -3.81 -5.92 16.62
CA PHE A 221 -5.04 -5.70 15.90
C PHE A 221 -6.22 -5.47 16.84
N PRO A 222 -7.29 -4.84 16.33
CA PRO A 222 -8.50 -4.64 17.14
C PRO A 222 -9.21 -5.95 17.43
N LYS A 223 -8.91 -6.56 18.58
CA LYS A 223 -9.54 -7.84 18.88
C LYS A 223 -11.04 -7.76 18.76
N ASP A 224 -11.59 -6.57 18.98
CA ASP A 224 -13.04 -6.41 18.96
C ASP A 224 -13.60 -6.76 17.58
N THR A 225 -12.85 -6.49 16.54
CA THR A 225 -13.26 -6.72 15.18
C THR A 225 -12.75 -8.03 14.60
N ILE A 226 -11.51 -8.41 14.92
CA ILE A 226 -10.97 -9.65 14.34
C ILE A 226 -11.99 -10.76 14.47
N ASN A 227 -12.66 -10.82 15.61
CA ASN A 227 -13.64 -11.89 15.82
C ASN A 227 -14.83 -11.73 14.89
N PHE A 228 -15.45 -10.54 14.88
CA PHE A 228 -16.67 -10.31 14.09
C PHE A 228 -16.47 -10.70 12.65
N LEU A 229 -15.28 -10.44 12.13
CA LEU A 229 -14.94 -10.91 10.79
C LEU A 229 -14.85 -12.43 10.75
N SER A 230 -14.12 -13.02 11.68
CA SER A 230 -14.05 -14.49 11.74
C SER A 230 -15.43 -15.08 12.01
N LYS A 231 -16.21 -14.39 12.82
CA LYS A 231 -17.59 -14.76 13.08
C LYS A 231 -18.41 -14.75 11.81
N SER A 232 -18.17 -13.77 10.96
CA SER A 232 -18.86 -13.74 9.67
C SER A 232 -18.21 -14.67 8.66
N VAL A 233 -16.92 -14.96 8.78
CA VAL A 233 -16.32 -15.89 7.83
C VAL A 233 -16.92 -17.28 8.02
N ASN A 234 -16.75 -17.85 9.21
CA ASN A 234 -17.28 -19.19 9.45
C ASN A 234 -18.77 -19.23 9.22
N ARG A 235 -19.47 -18.13 9.50
CA ARG A 235 -20.91 -18.05 9.25
C ARG A 235 -21.24 -18.28 7.79
N MET A 236 -20.40 -17.80 6.89
CA MET A 236 -20.73 -18.00 5.48
C MET A 236 -20.36 -19.40 5.03
N LYS A 237 -19.17 -19.86 5.37
CA LYS A 237 -18.70 -21.18 4.95
C LYS A 237 -19.79 -22.24 5.05
N LEU A 249 -18.55 -16.08 -5.68
CA LEU A 249 -18.40 -15.08 -6.72
C LEU A 249 -17.11 -14.29 -6.54
N ASP A 250 -16.36 -14.61 -5.51
CA ASP A 250 -15.21 -13.80 -5.15
C ASP A 250 -14.34 -14.61 -4.20
N PHE A 251 -13.38 -13.89 -3.63
CA PHE A 251 -12.31 -14.51 -2.87
C PHE A 251 -12.82 -15.63 -1.99
N LEU A 252 -14.00 -15.44 -1.37
CA LEU A 252 -14.51 -16.43 -0.43
C LEU A 252 -14.60 -17.80 -1.08
N GLN A 253 -15.44 -17.92 -2.11
CA GLN A 253 -15.64 -19.20 -2.79
C GLN A 253 -14.32 -19.76 -3.32
N LEU A 254 -13.46 -18.90 -3.88
CA LEU A 254 -12.18 -19.39 -4.40
C LEU A 254 -11.34 -19.96 -3.27
N MET A 255 -11.43 -19.38 -2.09
CA MET A 255 -10.83 -19.95 -0.90
C MET A 255 -11.58 -21.16 -0.40
N ILE A 256 -12.87 -21.21 -0.70
CA ILE A 256 -13.71 -22.33 -0.30
C ILE A 256 -13.30 -23.59 -1.07
N ASP A 257 -13.05 -23.46 -2.39
CA ASP A 257 -12.78 -24.63 -3.23
C ASP A 257 -11.55 -25.42 -2.76
N SER A 258 -10.56 -24.76 -2.20
CA SER A 258 -9.43 -25.43 -1.57
C SER A 258 -9.86 -26.13 -0.29
N SER A 271 -6.01 -24.57 6.82
CA SER A 271 -6.98 -24.82 7.87
C SER A 271 -8.21 -23.95 7.71
N ASP A 272 -9.05 -23.93 8.73
CA ASP A 272 -10.17 -23.01 8.79
C ASP A 272 -9.89 -21.78 9.63
N LEU A 273 -8.81 -21.79 10.41
CA LEU A 273 -8.29 -20.54 10.94
C LEU A 273 -7.50 -19.81 9.88
N GLU A 274 -6.54 -20.53 9.24
CA GLU A 274 -5.75 -19.96 8.16
C GLU A 274 -6.64 -19.25 7.13
N LEU A 275 -7.68 -19.94 6.67
CA LEU A 275 -8.60 -19.31 5.73
C LEU A 275 -9.18 -18.02 6.30
N ALA A 276 -9.45 -18.00 7.61
CA ALA A 276 -10.11 -16.83 8.18
C ALA A 276 -9.17 -15.64 8.31
N ALA A 277 -7.88 -15.91 8.57
CA ALA A 277 -6.87 -14.86 8.55
C ALA A 277 -6.82 -14.18 7.19
N GLN A 278 -6.44 -14.93 6.16
CA GLN A 278 -6.23 -14.38 4.83
C GLN A 278 -7.35 -13.42 4.48
N SER A 279 -8.58 -13.85 4.68
CA SER A 279 -9.70 -12.98 4.33
C SER A 279 -9.56 -11.61 5.00
N ILE A 280 -9.05 -11.57 6.23
CA ILE A 280 -8.93 -10.33 6.98
C ILE A 280 -7.68 -9.55 6.52
N ILE A 281 -6.57 -10.24 6.27
CA ILE A 281 -5.37 -9.51 5.86
C ILE A 281 -5.61 -8.79 4.54
N PHE A 282 -6.31 -9.46 3.61
CA PHE A 282 -6.61 -8.85 2.32
C PHE A 282 -7.29 -7.50 2.53
N ILE A 283 -8.27 -7.49 3.43
CA ILE A 283 -8.96 -6.24 3.72
C ILE A 283 -7.98 -5.25 4.33
N PHE A 284 -7.02 -5.79 5.06
CA PHE A 284 -6.06 -4.94 5.74
C PHE A 284 -5.07 -4.36 4.74
N ALA A 285 -4.41 -5.25 3.97
CA ALA A 285 -3.40 -4.83 2.99
C ALA A 285 -3.98 -3.99 1.87
N GLY A 286 -5.30 -4.02 1.68
CA GLY A 286 -5.86 -3.39 0.51
C GLY A 286 -6.87 -2.30 0.76
N TYR A 287 -7.29 -2.11 2.02
CA TYR A 287 -8.29 -1.08 2.26
C TYR A 287 -7.70 0.32 2.07
N GLU A 288 -6.75 0.68 2.92
CA GLU A 288 -6.34 2.09 2.98
C GLU A 288 -5.37 2.45 1.87
N THR A 289 -4.53 1.50 1.42
CA THR A 289 -3.66 1.80 0.29
C THR A 289 -4.48 2.18 -0.94
N THR A 290 -5.43 1.33 -1.30
CA THR A 290 -6.25 1.64 -2.46
C THR A 290 -6.88 3.00 -2.31
N SER A 291 -7.36 3.31 -1.10
CA SER A 291 -8.07 4.56 -0.87
C SER A 291 -7.15 5.76 -1.08
N SER A 292 -6.00 5.76 -0.43
CA SER A 292 -5.11 6.91 -0.54
C SER A 292 -4.69 7.12 -1.99
N VAL A 293 -4.39 6.03 -2.72
CA VAL A 293 -3.92 6.17 -4.09
C VAL A 293 -4.98 6.79 -5.00
N LEU A 294 -6.25 6.41 -4.83
CA LEU A 294 -7.29 6.95 -5.70
C LEU A 294 -7.44 8.47 -5.55
N SER A 295 -7.51 8.97 -4.30
CA SER A 295 -7.61 10.41 -4.05
C SER A 295 -6.32 11.13 -4.41
N PHE A 296 -5.19 10.45 -4.33
CA PHE A 296 -3.96 11.00 -4.86
C PHE A 296 -4.04 11.14 -6.38
N THR A 297 -4.45 10.07 -7.06
CA THR A 297 -4.59 10.15 -8.51
C THR A 297 -5.50 11.30 -8.88
N LEU A 298 -6.66 11.39 -8.22
CA LEU A 298 -7.64 12.39 -8.59
C LEU A 298 -7.14 13.81 -8.29
N TYR A 299 -6.42 13.99 -7.18
CA TYR A 299 -5.79 15.28 -6.90
C TYR A 299 -4.92 15.74 -8.07
N GLU A 300 -4.14 14.82 -8.64
CA GLU A 300 -3.20 15.20 -9.68
C GLU A 300 -3.93 15.55 -10.97
N LEU A 301 -5.00 14.81 -11.26
CA LEU A 301 -5.87 15.11 -12.41
C LEU A 301 -6.55 16.46 -12.25
N ALA A 302 -6.86 16.83 -11.00
CA ALA A 302 -7.44 18.14 -10.77
C ALA A 302 -6.44 19.25 -11.09
N THR A 303 -5.20 19.09 -10.64
CA THR A 303 -4.21 20.16 -10.73
C THR A 303 -3.39 20.07 -12.01
N HIS A 304 -3.70 19.11 -12.86
CA HIS A 304 -3.16 19.04 -14.22
C HIS A 304 -4.34 18.72 -15.14
N PRO A 305 -5.19 19.71 -15.43
CA PRO A 305 -6.38 19.42 -16.24
C PRO A 305 -6.04 18.93 -17.64
N ASP A 306 -4.85 19.26 -18.13
CA ASP A 306 -4.47 18.81 -19.46
C ASP A 306 -4.32 17.30 -19.49
N VAL A 307 -3.74 16.74 -18.42
CA VAL A 307 -3.69 15.29 -18.31
C VAL A 307 -5.10 14.72 -18.15
N GLN A 308 -6.01 15.48 -17.53
CA GLN A 308 -7.37 14.99 -17.29
C GLN A 308 -8.18 14.91 -18.59
N GLN A 309 -8.16 15.97 -19.41
CA GLN A 309 -8.71 15.83 -20.75
C GLN A 309 -8.12 14.61 -21.44
N LYS A 310 -6.79 14.58 -21.59
CA LYS A 310 -6.18 13.55 -22.43
C LYS A 310 -6.62 12.14 -22.01
N LEU A 311 -6.82 11.90 -20.72
CA LEU A 311 -7.30 10.59 -20.29
C LEU A 311 -8.77 10.43 -20.62
N GLN A 312 -9.55 11.51 -20.43
CA GLN A 312 -10.95 11.53 -20.87
C GLN A 312 -11.07 11.21 -22.35
N LYS A 313 -10.23 11.81 -23.20
CA LYS A 313 -10.23 11.45 -24.61
C LYS A 313 -9.96 9.98 -24.78
N GLU A 314 -8.94 9.46 -24.09
CA GLU A 314 -8.61 8.05 -24.23
C GLU A 314 -9.81 7.19 -23.87
N ILE A 315 -10.50 7.57 -22.80
CA ILE A 315 -11.63 6.78 -22.31
C ILE A 315 -12.80 6.82 -23.28
N ASP A 316 -13.08 8.01 -23.83
CA ASP A 316 -14.21 8.18 -24.71
C ASP A 316 -13.99 7.49 -26.07
N ALA A 317 -12.74 7.44 -26.54
CA ALA A 317 -12.47 6.73 -27.79
C ALA A 317 -12.63 5.22 -27.63
N VAL A 318 -12.35 4.69 -26.46
CA VAL A 318 -12.37 3.24 -26.25
C VAL A 318 -13.76 2.75 -25.85
N LEU A 319 -14.49 3.56 -25.11
CA LEU A 319 -15.80 3.20 -24.59
C LEU A 319 -16.72 4.38 -24.88
N PRO A 320 -17.07 4.58 -26.14
CA PRO A 320 -17.84 5.78 -26.50
C PRO A 320 -19.17 5.81 -25.74
N ASN A 321 -19.68 7.04 -25.59
CA ASN A 321 -21.02 7.30 -25.03
C ASN A 321 -21.22 6.60 -23.69
N LYS A 322 -20.18 6.68 -22.84
CA LYS A 322 -20.22 6.16 -21.46
C LYS A 322 -20.48 4.66 -21.42
N ALA A 323 -19.94 3.93 -22.40
CA ALA A 323 -20.02 2.48 -22.52
C ALA A 323 -19.55 1.76 -21.25
N PRO A 324 -20.12 0.61 -20.94
CA PRO A 324 -19.63 -0.20 -19.81
C PRO A 324 -18.20 -0.62 -20.02
N PRO A 325 -17.37 -0.53 -18.98
CA PRO A 325 -16.01 -1.07 -19.05
C PRO A 325 -16.00 -2.59 -19.26
N THR A 326 -14.86 -3.11 -19.72
CA THR A 326 -14.61 -4.53 -19.94
C THR A 326 -13.14 -4.83 -19.62
N TYR A 327 -12.83 -6.08 -19.26
CA TYR A 327 -11.48 -6.37 -18.77
C TYR A 327 -10.43 -6.00 -19.80
N ASP A 328 -10.58 -6.49 -21.03
CA ASP A 328 -9.52 -6.30 -22.01
C ASP A 328 -9.39 -4.84 -22.41
N ALA A 329 -10.42 -4.03 -22.22
CA ALA A 329 -10.25 -2.60 -22.41
C ALA A 329 -9.46 -2.00 -21.25
N VAL A 330 -10.01 -2.10 -20.04
CA VAL A 330 -9.39 -1.51 -18.85
C VAL A 330 -7.92 -1.88 -18.77
N VAL A 331 -7.52 -3.00 -19.38
CA VAL A 331 -6.11 -3.40 -19.30
C VAL A 331 -5.24 -2.73 -20.37
N GLN A 332 -5.81 -2.39 -21.53
CA GLN A 332 -5.04 -1.89 -22.67
C GLN A 332 -5.08 -0.37 -22.81
N MET A 333 -5.72 0.33 -21.87
CA MET A 333 -5.73 1.80 -21.88
C MET A 333 -4.32 2.28 -21.49
N GLU A 334 -3.55 2.73 -22.49
CA GLU A 334 -2.14 3.03 -22.20
C GLU A 334 -2.01 4.23 -21.26
N TYR A 335 -2.62 5.36 -21.60
CA TYR A 335 -2.46 6.56 -20.78
C TYR A 335 -2.87 6.30 -19.35
N LEU A 336 -4.05 5.69 -19.17
CA LEU A 336 -4.53 5.36 -17.84
C LEU A 336 -3.49 4.61 -17.02
N ASP A 337 -2.87 3.58 -17.61
CA ASP A 337 -1.80 2.92 -16.89
C ASP A 337 -0.75 3.95 -16.48
N MET A 338 -0.26 4.73 -17.44
CA MET A 338 0.78 5.71 -17.12
C MET A 338 0.34 6.67 -16.02
N VAL A 339 -0.97 6.94 -15.93
CA VAL A 339 -1.45 7.91 -14.94
C VAL A 339 -1.43 7.30 -13.54
N VAL A 340 -1.98 6.10 -13.38
CA VAL A 340 -1.83 5.37 -12.13
C VAL A 340 -0.35 5.24 -11.78
N ASN A 341 0.46 4.78 -12.74
CA ASN A 341 1.87 4.51 -12.51
C ASN A 341 2.61 5.75 -12.01
N GLU A 342 2.39 6.90 -12.64
CA GLU A 342 3.11 8.09 -12.19
C GLU A 342 2.69 8.47 -10.79
N THR A 343 1.43 8.23 -10.44
CA THR A 343 0.94 8.56 -9.11
C THR A 343 1.60 7.69 -8.07
N LEU A 344 1.77 6.41 -8.38
CA LEU A 344 2.54 5.55 -7.50
C LEU A 344 4.01 5.99 -7.45
N ARG A 345 4.54 6.65 -8.49
CA ARG A 345 5.89 7.18 -8.33
C ARG A 345 5.95 8.26 -7.26
N LEU A 346 5.00 9.20 -7.30
CA LEU A 346 4.97 10.30 -6.34
C LEU A 346 4.56 9.80 -4.96
N PHE A 347 3.58 8.90 -4.92
CA PHE A 347 2.96 8.50 -3.66
C PHE A 347 2.99 7.00 -3.46
N PRO A 348 4.19 6.42 -3.36
CA PRO A 348 4.32 5.05 -2.86
C PRO A 348 3.80 4.89 -1.44
N VAL A 349 2.50 4.55 -1.30
CA VAL A 349 1.85 4.65 0.01
C VAL A 349 2.59 3.87 1.09
N ALA A 350 3.36 2.87 0.71
CA ALA A 350 4.10 2.08 1.68
C ALA A 350 5.50 2.64 1.97
N ILE A 351 5.88 3.75 1.34
CA ILE A 351 7.11 4.47 1.70
C ILE A 351 8.39 3.62 1.53
N ARG A 352 8.46 2.45 2.17
CA ARG A 352 9.70 1.67 2.21
C ARG A 352 9.36 0.19 2.12
N LEU A 353 10.29 -0.57 1.63
CA LEU A 353 10.22 -2.02 1.66
C LEU A 353 11.22 -2.49 2.71
N GLU A 354 10.79 -3.45 3.53
CA GLU A 354 11.55 -3.92 4.69
C GLU A 354 11.72 -5.43 4.65
N ARG A 355 12.95 -5.90 4.75
CA ARG A 355 13.23 -7.32 4.93
C ARG A 355 14.16 -7.55 6.11
N THR A 356 14.07 -8.76 6.65
CA THR A 356 14.85 -9.22 7.80
C THR A 356 15.87 -10.28 7.37
N CYS A 357 17.14 -10.05 7.70
CA CYS A 357 18.20 -11.05 7.65
C CYS A 357 17.90 -12.22 8.58
N LYS A 358 17.54 -13.39 8.04
CA LYS A 358 17.33 -14.57 8.87
C LYS A 358 18.64 -15.29 9.22
N LYS A 359 19.78 -14.70 8.91
CA LYS A 359 21.09 -15.27 9.16
C LYS A 359 22.11 -14.19 8.84
N ASP A 360 23.30 -14.30 9.43
CA ASP A 360 24.36 -13.39 9.05
C ASP A 360 24.54 -13.42 7.54
N VAL A 361 24.86 -12.26 6.98
CA VAL A 361 24.86 -12.14 5.52
C VAL A 361 25.77 -10.98 5.14
N GLU A 362 26.46 -11.17 4.02
CA GLU A 362 27.26 -10.11 3.41
C GLU A 362 26.36 -9.39 2.41
N ILE A 363 26.03 -8.14 2.72
CA ILE A 363 25.26 -7.30 1.81
C ILE A 363 26.21 -6.23 1.30
N ASN A 364 26.74 -6.45 0.09
CA ASN A 364 27.60 -5.47 -0.58
C ASN A 364 28.83 -5.15 0.29
N GLY A 365 29.57 -6.21 0.59
CA GLY A 365 30.82 -6.10 1.32
C GLY A 365 30.70 -5.75 2.78
N VAL A 366 29.48 -5.71 3.33
CA VAL A 366 29.26 -5.38 4.72
C VAL A 366 28.70 -6.59 5.43
N PHE A 367 29.21 -6.84 6.64
CA PHE A 367 28.79 -7.99 7.42
C PHE A 367 27.65 -7.57 8.32
N ILE A 368 26.50 -8.19 8.13
CA ILE A 368 25.26 -7.75 8.73
C ILE A 368 24.78 -8.88 9.63
N PRO A 369 24.61 -8.65 10.92
CA PRO A 369 24.26 -9.75 11.82
C PRO A 369 22.85 -10.20 11.56
N LYS A 370 22.52 -11.32 12.16
CA LYS A 370 21.19 -11.88 12.06
C LYS A 370 20.18 -10.97 12.76
N GLY A 371 18.92 -11.13 12.39
CA GLY A 371 17.84 -10.38 12.99
C GLY A 371 17.71 -8.97 12.45
N SER A 372 18.82 -8.40 11.95
CA SER A 372 18.85 -7.06 11.38
C SER A 372 17.80 -6.84 10.29
N MET A 373 17.49 -5.58 10.01
CA MET A 373 16.48 -5.20 9.04
C MET A 373 17.13 -4.42 7.92
N VAL A 374 16.69 -4.67 6.69
CA VAL A 374 17.19 -3.91 5.55
C VAL A 374 16.02 -3.14 4.98
N VAL A 375 16.27 -1.89 4.61
CA VAL A 375 15.21 -0.98 4.16
C VAL A 375 15.56 -0.52 2.73
N ILE A 376 14.67 -0.78 1.81
CA ILE A 376 14.79 -0.21 0.44
C ILE A 376 13.91 1.03 0.38
N PRO A 377 14.49 2.19 0.43
CA PRO A 377 13.71 3.45 0.55
C PRO A 377 13.01 3.85 -0.75
N THR A 378 11.86 3.21 -1.01
CA THR A 378 11.13 3.49 -2.25
C THR A 378 10.85 4.99 -2.44
N TYR A 379 10.23 5.62 -1.43
CA TYR A 379 9.80 7.02 -1.62
C TYR A 379 10.98 7.90 -2.04
N ALA A 380 12.10 7.71 -1.37
CA ALA A 380 13.26 8.56 -1.64
C ALA A 380 13.83 8.26 -3.03
N LEU A 381 13.88 6.98 -3.38
CA LEU A 381 14.39 6.58 -4.68
C LEU A 381 13.46 7.03 -5.80
N HIS A 382 12.16 7.08 -5.48
CA HIS A 382 11.15 7.58 -6.41
C HIS A 382 11.31 9.07 -6.64
N HIS A 383 11.83 9.80 -5.66
CA HIS A 383 12.02 11.24 -5.80
C HIS A 383 13.48 11.63 -6.07
N ASP A 384 14.30 10.71 -6.60
CA ASP A 384 15.71 11.04 -6.84
C ASP A 384 15.90 11.73 -8.19
N PRO A 385 16.54 12.91 -8.24
CA PRO A 385 16.79 13.57 -9.54
C PRO A 385 17.78 12.85 -10.43
N LYS A 386 18.55 11.90 -9.88
CA LYS A 386 19.44 11.09 -10.70
C LYS A 386 18.66 10.24 -11.70
N TYR A 387 17.48 9.72 -11.29
CA TYR A 387 16.70 8.80 -12.11
C TYR A 387 15.44 9.39 -12.71
N TRP A 388 15.02 10.56 -12.24
CA TRP A 388 13.77 11.15 -12.66
C TRP A 388 14.01 12.62 -12.89
N THR A 389 14.01 13.03 -14.14
CA THR A 389 14.00 14.46 -14.43
C THR A 389 12.75 15.08 -13.83
N GLU A 390 12.92 16.31 -13.32
CA GLU A 390 11.91 17.06 -12.57
C GLU A 390 11.16 16.14 -11.61
N PRO A 391 11.83 15.58 -10.60
CA PRO A 391 11.17 14.52 -9.78
C PRO A 391 9.90 14.99 -9.10
N GLU A 392 9.81 16.25 -8.72
CA GLU A 392 8.61 16.68 -8.02
C GLU A 392 7.42 16.90 -8.94
N GLU A 393 7.62 16.87 -10.27
CA GLU A 393 6.58 17.17 -11.24
C GLU A 393 5.80 15.93 -11.64
N PHE A 394 4.49 16.12 -11.84
CA PHE A 394 3.62 15.06 -12.30
C PHE A 394 3.65 15.00 -13.83
N ARG A 395 4.33 13.98 -14.36
CA ARG A 395 4.58 13.86 -15.80
C ARG A 395 4.33 12.42 -16.24
N PRO A 396 3.07 12.07 -16.53
CA PRO A 396 2.75 10.67 -16.91
C PRO A 396 3.56 10.16 -18.09
N GLU A 397 4.21 11.04 -18.83
CA GLU A 397 4.95 10.58 -19.98
C GLU A 397 6.12 9.69 -19.59
N ARG A 398 6.67 9.86 -18.37
CA ARG A 398 7.78 9.03 -17.92
C ARG A 398 7.57 7.58 -18.30
N PHE A 399 6.33 7.14 -18.28
CA PHE A 399 6.04 5.73 -18.46
C PHE A 399 5.61 5.41 -19.89
N SER A 400 5.95 6.25 -20.85
CA SER A 400 5.69 5.91 -22.23
C SER A 400 6.46 4.65 -22.57
N LYS A 401 5.73 3.67 -23.06
CA LYS A 401 6.37 2.42 -23.46
C LYS A 401 7.46 2.67 -24.49
N LYS A 402 7.37 3.81 -25.11
CA LYS A 402 8.32 4.24 -26.12
C LYS A 402 9.67 4.55 -25.51
N LYS A 403 9.71 5.00 -24.27
CA LYS A 403 10.92 5.35 -23.57
C LYS A 403 11.58 4.09 -22.98
N ASP A 404 12.79 4.26 -22.46
CA ASP A 404 13.56 3.14 -21.91
C ASP A 404 12.88 2.61 -20.65
N SER A 405 12.70 1.28 -20.61
CA SER A 405 11.95 0.65 -19.54
C SER A 405 12.46 1.13 -18.18
N ILE A 406 11.59 1.08 -17.21
CA ILE A 406 11.88 1.61 -15.89
C ILE A 406 12.49 0.52 -15.03
N ASP A 407 13.52 0.91 -14.29
CA ASP A 407 14.29 0.01 -13.47
C ASP A 407 13.43 -0.53 -12.35
N PRO A 408 13.10 -1.83 -12.35
CA PRO A 408 12.13 -2.36 -11.38
C PRO A 408 12.63 -2.35 -9.93
N TYR A 409 13.85 -1.87 -9.68
CA TYR A 409 14.40 -1.78 -8.35
C TYR A 409 14.61 -0.34 -7.94
N ILE A 410 14.45 0.62 -8.86
CA ILE A 410 14.21 1.99 -8.43
C ILE A 410 12.73 2.19 -8.14
N TYR A 411 11.88 1.77 -9.07
CA TYR A 411 10.44 1.92 -8.98
C TYR A 411 9.88 0.68 -8.29
N THR A 412 9.58 0.81 -7.01
CA THR A 412 9.18 -0.35 -6.18
C THR A 412 7.88 -0.10 -5.41
N PRO A 413 6.83 0.35 -6.10
CA PRO A 413 5.60 0.76 -5.39
C PRO A 413 4.82 -0.41 -4.79
N PHE A 414 5.01 -1.62 -5.36
CA PHE A 414 4.34 -2.85 -4.96
C PHE A 414 5.35 -3.89 -4.53
N GLY A 415 6.59 -3.50 -4.27
CA GLY A 415 7.68 -4.45 -4.12
C GLY A 415 8.06 -5.09 -5.44
N THR A 416 9.09 -5.94 -5.38
CA THR A 416 9.50 -6.86 -6.44
C THR A 416 10.05 -8.11 -5.77
N GLY A 417 10.13 -9.21 -6.52
CA GLY A 417 10.55 -10.46 -5.94
C GLY A 417 9.38 -11.27 -5.43
N PRO A 418 9.67 -12.44 -4.84
CA PRO A 418 8.59 -13.36 -4.46
C PRO A 418 7.68 -12.85 -3.35
N ARG A 419 8.05 -11.75 -2.71
CA ARG A 419 7.29 -11.23 -1.57
C ARG A 419 6.49 -9.96 -1.92
N ASN A 420 6.30 -9.68 -3.20
CA ASN A 420 5.68 -8.46 -3.68
C ASN A 420 4.18 -8.45 -3.32
N CYS A 421 3.54 -7.31 -3.54
CA CYS A 421 2.08 -7.28 -3.39
C CYS A 421 1.48 -8.37 -4.25
N ILE A 422 0.90 -9.39 -3.63
CA ILE A 422 0.28 -10.46 -4.41
C ILE A 422 -0.97 -9.93 -5.10
N GLY A 423 -1.64 -8.93 -4.50
CA GLY A 423 -2.88 -8.43 -5.04
C GLY A 423 -2.61 -7.30 -6.00
N MET A 424 -1.35 -7.21 -6.46
CA MET A 424 -0.97 -6.08 -7.29
C MET A 424 -1.90 -5.93 -8.50
N ARG A 425 -2.05 -7.01 -9.26
CA ARG A 425 -2.93 -6.98 -10.42
C ARG A 425 -4.35 -6.61 -10.04
N PHE A 426 -4.81 -7.03 -8.86
CA PHE A 426 -6.19 -6.76 -8.47
C PHE A 426 -6.37 -5.29 -8.09
N ALA A 427 -5.40 -4.71 -7.38
CA ALA A 427 -5.51 -3.32 -6.96
C ALA A 427 -5.55 -2.40 -8.15
N LEU A 428 -4.59 -2.59 -9.06
CA LEU A 428 -4.57 -1.82 -10.30
C LEU A 428 -5.89 -1.94 -11.04
N MET A 429 -6.54 -3.10 -10.97
CA MET A 429 -7.86 -3.24 -11.60
C MET A 429 -8.90 -2.37 -10.91
N ASN A 430 -9.04 -2.48 -9.59
CA ASN A 430 -10.06 -1.72 -8.87
C ASN A 430 -9.89 -0.23 -9.13
N MET A 431 -8.68 0.26 -8.94
CA MET A 431 -8.45 1.69 -9.12
C MET A 431 -8.81 2.12 -10.53
N LYS A 432 -8.31 1.36 -11.52
CA LYS A 432 -8.61 1.71 -12.90
C LYS A 432 -10.10 1.67 -13.17
N LEU A 433 -10.80 0.65 -12.64
CA LEU A 433 -12.25 0.59 -12.76
C LEU A 433 -12.91 1.84 -12.21
N ALA A 434 -12.55 2.22 -10.98
CA ALA A 434 -13.16 3.38 -10.36
C ALA A 434 -12.80 4.65 -11.12
N LEU A 435 -11.51 4.79 -11.44
CA LEU A 435 -11.08 5.99 -12.16
C LEU A 435 -11.83 6.15 -13.46
N ILE A 436 -12.10 5.04 -14.17
CA ILE A 436 -12.84 5.13 -15.43
C ILE A 436 -14.27 5.60 -15.19
N ARG A 437 -14.99 4.92 -14.29
CA ARG A 437 -16.39 5.28 -14.07
C ARG A 437 -16.54 6.75 -13.73
N VAL A 438 -15.69 7.25 -12.82
CA VAL A 438 -15.85 8.63 -12.38
C VAL A 438 -15.48 9.60 -13.51
N LEU A 439 -14.56 9.19 -14.40
CA LEU A 439 -14.05 10.07 -15.44
C LEU A 439 -14.94 10.07 -16.68
N GLN A 440 -15.82 9.09 -16.79
CA GLN A 440 -16.90 9.13 -17.75
C GLN A 440 -17.99 10.15 -17.40
N ASN A 441 -18.14 10.51 -16.12
CA ASN A 441 -19.29 11.31 -15.72
C ASN A 441 -18.96 12.68 -15.16
N PHE A 442 -17.72 12.95 -14.77
CA PHE A 442 -17.39 14.24 -14.16
C PHE A 442 -15.98 14.67 -14.56
N SER A 443 -15.68 15.95 -14.32
CA SER A 443 -14.31 16.39 -14.22
C SER A 443 -13.99 16.76 -12.76
N PHE A 444 -12.71 17.01 -12.52
CA PHE A 444 -12.19 17.35 -11.21
C PHE A 444 -11.30 18.56 -11.34
N LYS A 445 -11.54 19.57 -10.52
CA LYS A 445 -10.76 20.80 -10.55
C LYS A 445 -10.58 21.29 -9.13
N PRO A 446 -9.58 22.12 -8.88
CA PRO A 446 -9.39 22.66 -7.55
C PRO A 446 -10.49 23.64 -7.17
N CYS A 447 -10.59 23.88 -5.87
CA CYS A 447 -11.38 24.98 -5.34
C CYS A 447 -10.59 25.60 -4.22
N LYS A 448 -11.23 26.58 -3.57
CA LYS A 448 -10.58 27.38 -2.54
C LYS A 448 -10.00 26.51 -1.42
N GLU A 449 -10.72 25.45 -1.05
CA GLU A 449 -10.34 24.55 0.04
C GLU A 449 -9.34 23.48 -0.38
N THR A 450 -8.89 23.45 -1.62
CA THR A 450 -7.94 22.44 -2.05
C THR A 450 -6.53 22.86 -1.62
N GLN A 451 -5.85 22.02 -0.84
CA GLN A 451 -4.49 22.35 -0.43
C GLN A 451 -3.56 22.13 -1.59
N ILE A 452 -2.94 23.20 -2.07
CA ILE A 452 -1.96 23.08 -3.13
C ILE A 452 -0.76 23.93 -2.76
N PRO A 453 0.47 23.38 -2.75
CA PRO A 453 0.80 21.95 -2.90
C PRO A 453 0.23 21.06 -1.81
N LEU A 454 -0.07 19.82 -2.19
CA LEU A 454 -0.48 18.84 -1.22
C LEU A 454 0.67 18.64 -0.26
N LYS A 455 0.33 18.51 1.02
CA LYS A 455 1.29 18.13 2.05
C LYS A 455 0.95 16.74 2.58
N LEU A 456 1.98 15.97 2.89
CA LEU A 456 1.82 14.63 3.40
C LEU A 456 1.64 14.64 4.93
N ASP A 457 1.07 13.58 5.46
CA ASP A 457 1.00 13.49 6.91
C ASP A 457 2.26 12.76 7.38
N THR A 458 2.50 12.79 8.68
CA THR A 458 3.75 12.28 9.22
C THR A 458 3.62 10.87 9.81
N GLN A 459 2.49 10.22 9.67
CA GLN A 459 2.29 8.94 10.33
C GLN A 459 1.65 7.92 9.37
N GLY A 460 2.14 6.68 9.45
CA GLY A 460 1.57 5.56 8.72
C GLY A 460 1.84 5.64 7.21
N LEU A 461 1.00 4.95 6.46
CA LEU A 461 1.03 5.01 5.00
C LEU A 461 0.82 6.45 4.55
N LEU A 462 1.45 6.82 3.45
CA LEU A 462 1.26 8.17 2.91
C LEU A 462 -0.21 8.53 2.84
N GLN A 463 -0.52 9.72 3.34
CA GLN A 463 -1.84 10.32 3.29
C GLN A 463 -1.63 11.82 3.29
N PRO A 464 -2.66 12.59 2.93
CA PRO A 464 -2.51 14.06 2.92
C PRO A 464 -2.67 14.68 4.29
N GLU A 465 -1.85 15.69 4.54
CA GLU A 465 -1.90 16.41 5.81
C GLU A 465 -3.32 16.89 6.12
N LYS A 466 -3.96 17.53 5.15
CA LYS A 466 -5.37 17.90 5.12
C LYS A 466 -6.09 17.06 4.09
N PRO A 467 -7.33 16.66 4.36
CA PRO A 467 -8.00 15.73 3.44
C PRO A 467 -8.30 16.42 2.12
N ILE A 468 -8.32 15.62 1.06
CA ILE A 468 -8.48 16.17 -0.29
C ILE A 468 -9.95 16.49 -0.55
N VAL A 469 -10.21 17.74 -0.97
CA VAL A 469 -11.54 18.14 -1.39
C VAL A 469 -11.42 18.78 -2.77
N LEU A 470 -12.33 18.41 -3.67
CA LEU A 470 -12.27 18.89 -5.03
C LEU A 470 -13.67 19.26 -5.52
N LYS A 471 -13.69 20.13 -6.51
CA LYS A 471 -14.92 20.46 -7.21
C LYS A 471 -15.15 19.40 -8.27
N VAL A 472 -16.34 18.83 -8.30
CA VAL A 472 -16.64 17.68 -9.15
C VAL A 472 -17.90 18.02 -9.96
N ASP A 473 -17.70 18.59 -11.15
CA ASP A 473 -18.80 18.98 -12.04
C ASP A 473 -19.08 17.86 -13.05
N SER A 474 -20.36 17.68 -13.39
CA SER A 474 -20.73 16.63 -14.32
C SER A 474 -20.55 17.09 -15.77
N ARG A 475 -20.39 16.11 -16.65
CA ARG A 475 -20.01 16.38 -18.03
C ARG A 475 -21.21 16.61 -18.95
N ASP A 476 -22.39 16.88 -18.39
CA ASP A 476 -23.62 16.96 -19.17
C ASP A 476 -24.38 18.22 -18.84
CHA HEM B . 2.17 -6.52 0.17
CHB HEM B . 1.55 -2.16 -1.80
CHC HEM B . -3.06 -3.24 -2.49
CHD HEM B . -2.34 -7.71 -0.80
C1A HEM B . 2.37 -5.27 -0.34
C2A HEM B . 3.66 -4.64 -0.37
C3A HEM B . 3.52 -3.43 -0.90
C4A HEM B . 2.11 -3.26 -1.22
CMA HEM B . 4.65 -2.38 -1.14
CAA HEM B . 4.96 -5.30 0.15
CBA HEM B . 5.99 -5.42 -0.95
CGA HEM B . 7.31 -5.91 -0.48
O1A HEM B . 8.30 -5.59 -1.20
O2A HEM B . 7.42 -6.61 0.56
C1B HEM B . 0.25 -2.10 -2.17
C2B HEM B . -0.37 -0.96 -2.84
C3B HEM B . -1.66 -1.26 -3.02
C4B HEM B . -1.86 -2.58 -2.46
CMB HEM B . 0.38 0.33 -3.23
CAB HEM B . -2.77 -0.44 -3.71
CBB HEM B . -2.59 0.73 -4.31
C1C HEM B . -3.20 -4.55 -2.11
C2C HEM B . -4.46 -5.27 -2.22
C3C HEM B . -4.24 -6.50 -1.76
C4C HEM B . -2.86 -6.58 -1.34
CMC HEM B . -5.76 -4.69 -2.80
CAC HEM B . -5.19 -7.73 -1.63
CBC HEM B . -6.48 -7.73 -2.03
C1D HEM B . -1.08 -7.77 -0.30
C2D HEM B . -0.49 -8.87 0.44
C3D HEM B . 0.78 -8.55 0.71
C4D HEM B . 1.01 -7.24 0.14
CMD HEM B . -1.22 -10.17 0.83
CAD HEM B . 1.79 -9.42 1.51
CBD HEM B . 2.27 -10.65 0.73
CGD HEM B . 3.65 -11.13 1.16
O1D HEM B . 4.20 -12.05 0.50
O2D HEM B . 4.24 -10.63 2.14
NA HEM B . 1.42 -4.42 -0.88
NB HEM B . -0.70 -3.06 -1.96
NC HEM B . -2.23 -5.38 -1.59
ND HEM B . -0.13 -6.78 -0.48
FE HEM B . -0.41 -4.88 -1.34
C1 XRD C . 5.09 2.06 6.55
C2 XRD C . 5.39 0.71 7.03
C3 XRD C . 5.32 0.61 8.51
C4 XRD C . 4.97 1.67 9.32
C5 XRD C . 4.70 2.91 8.76
C6 XRD C . 4.76 3.09 7.38
C10 XRD C . 4.29 -0.23 6.50
C11 XRD C . 3.14 -2.37 6.67
C12 XRD C . 3.18 -2.63 5.20
C13 XRD C . 3.14 -1.28 4.47
C14 XRD C . 4.19 -0.29 4.96
C15 XRD C . 2.91 -3.73 7.27
C16 XRD C . 1.97 -4.41 6.28
C17 XRD C . 1.98 -3.56 4.99
C19 XRD C . 6.82 0.36 6.67
C22 XRD C . 4.49 -3.37 4.91
C23 XRD C . 2.25 -5.90 6.17
C24 XRD C . 1.99 -4.33 3.68
C26 XRD C . 1.02 -3.98 2.56
C29 XRD C . -0.52 -3.19 5.25
C31 XRD C . -1.54 -2.19 5.72
C32 XRD C . -0.85 -1.29 6.69
C7 XRD C . 5.63 -0.72 9.11
C8 XRD C . 4.57 -1.70 8.60
C9 XRD C . 4.43 -1.65 7.07
F20 XRD C . 3.13 0.26 6.93
O18 XRD C . 4.40 3.88 9.50
O21 XRD C . 5.44 -0.60 4.33
O25 XRD C . 2.78 -5.25 3.43
O28 XRD C . 0.83 -2.71 5.00
O30 XRD C . -0.81 -4.36 5.05
CL27 XRD C . 0.91 -2.22 2.24
#